data_2ZCR
#
_entry.id   2ZCR
#
_cell.length_a   80.360
_cell.length_b   80.360
_cell.length_c   90.360
_cell.angle_alpha   90.00
_cell.angle_beta   90.00
_cell.angle_gamma   120.00
#
_symmetry.space_group_name_H-M   'P 32 2 1'
#
loop_
_entity.id
_entity.type
_entity.pdbx_description
1 polymer 'Dehydrosqualene synthase'
2 non-polymer "tripotassium (1R)-4-(4'-butylbiphenyl-4-yl)-1-phosphonatobutane-1-sulfonate"
3 non-polymer 'MAGNESIUM ION'
4 water water
#
_entity_poly.entity_id   1
_entity_poly.type   'polypeptide(L)'
_entity_poly.pdbx_seq_one_letter_code
;AAAAAAMTMMDMNFKYCHKIMKKHSKSFSYAFDLLPEDQRKAVWAIYAVCRKIDDSIDVYGDIQFLNQIKEDIQSIEKYP
YEYHHFQSDRRIMMALQHVAQHKNIAFQSFYNLIDTVYKDQHFTMFETDAELFGYCYGVAGTVGEVLTPILSDHETHQTY
DVARRLGESLQLINILRDVGEDFENERIYFSKQRLKQYEVDIAEVYQNGVNNHYIDLWEYYAAIAEKDFRDVMDQIKVFS
IEAQPIIELAARIYIEILDEVRQANYTLHERVFVEKRKKAKLFHEINSKYHRI
;
_entity_poly.pdbx_strand_id   A
#
loop_
_chem_comp.id
_chem_comp.type
_chem_comp.name
_chem_comp.formula
B69 non-polymer 'tripotassium (1R)-4-(4'-butylbiphenyl-4-yl)-1-phosphonatobutane-1-sulfonate' 'C20 H24 K3 O6 P S'
MG non-polymer 'MAGNESIUM ION' 'Mg 2'
#
# COMPACT_ATOMS: atom_id res chain seq x y z
N MET A 7 5.27 28.28 -10.04
CA MET A 7 6.07 27.08 -9.66
C MET A 7 6.99 26.63 -10.79
N THR A 8 7.97 25.82 -10.44
CA THR A 8 8.93 25.31 -11.41
C THR A 8 8.43 24.08 -12.14
N MET A 9 9.21 23.61 -13.11
CA MET A 9 8.83 22.41 -13.82
C MET A 9 8.82 21.25 -12.81
N MET A 10 9.86 21.17 -11.96
CA MET A 10 9.88 20.09 -11.00
C MET A 10 8.68 20.16 -10.05
N ASP A 11 8.26 21.37 -9.66
CA ASP A 11 7.10 21.50 -8.77
C ASP A 11 5.92 20.86 -9.47
N MET A 12 5.80 21.11 -10.77
CA MET A 12 4.70 20.57 -11.56
C MET A 12 4.76 19.05 -11.56
N ASN A 13 5.96 18.47 -11.63
CA ASN A 13 6.06 16.99 -11.62
C ASN A 13 5.55 16.45 -10.28
N PHE A 14 6.01 17.05 -9.19
CA PHE A 14 5.54 16.61 -7.88
C PHE A 14 4.04 16.85 -7.71
N LYS A 15 3.52 17.99 -8.19
CA LYS A 15 2.07 18.21 -8.04
C LYS A 15 1.28 17.10 -8.72
N TYR A 16 1.75 16.68 -9.89
CA TYR A 16 1.09 15.59 -10.63
C TYR A 16 1.13 14.30 -9.78
N CYS A 17 2.29 14.01 -9.18
CA CYS A 17 2.43 12.82 -8.33
C CYS A 17 1.43 12.89 -7.18
N HIS A 18 1.26 14.09 -6.64
CA HIS A 18 0.29 14.31 -5.53
C HIS A 18 -1.11 13.95 -6.02
N LYS A 19 -1.46 14.46 -7.19
CA LYS A 19 -2.78 14.21 -7.77
C LYS A 19 -3.04 12.72 -7.86
N ILE A 20 -2.04 11.97 -8.30
CA ILE A 20 -2.21 10.51 -8.45
C ILE A 20 -2.44 9.83 -7.10
N MET A 21 -1.65 10.22 -6.11
CA MET A 21 -1.76 9.63 -4.78
C MET A 21 -3.15 9.93 -4.17
N LYS A 22 -3.58 11.19 -4.22
CA LYS A 22 -4.85 11.60 -3.63
C LYS A 22 -6.04 10.99 -4.38
N LYS A 23 -5.92 10.89 -5.69
CA LYS A 23 -6.98 10.28 -6.48
C LYS A 23 -7.13 8.81 -6.04
N HIS A 24 -6.01 8.13 -5.81
CA HIS A 24 -6.09 6.74 -5.41
C HIS A 24 -6.48 6.45 -3.96
N SER A 25 -5.88 7.16 -3.01
CA SER A 25 -6.15 6.93 -1.58
C SER A 25 -6.34 8.20 -0.80
N LYS A 26 -7.58 8.47 -0.44
CA LYS A 26 -7.87 9.66 0.37
C LYS A 26 -7.25 9.45 1.74
N SER A 27 -7.18 8.19 2.19
CA SER A 27 -6.61 7.91 3.50
C SER A 27 -5.12 8.19 3.56
N PHE A 28 -4.35 7.65 2.61
CA PHE A 28 -2.91 7.87 2.69
C PHE A 28 -2.56 9.30 2.36
N SER A 29 -3.28 9.91 1.42
CA SER A 29 -2.98 11.31 1.13
C SER A 29 -3.32 12.16 2.38
N TYR A 30 -4.45 11.90 3.04
CA TYR A 30 -4.81 12.69 4.24
C TYR A 30 -3.68 12.69 5.25
N ALA A 31 -3.13 11.50 5.52
CA ALA A 31 -2.06 11.37 6.52
C ALA A 31 -0.71 11.91 6.05
N PHE A 32 -0.25 11.40 4.92
CA PHE A 32 1.06 11.79 4.42
C PHE A 32 1.19 13.22 3.97
N ASP A 33 0.10 13.87 3.57
CA ASP A 33 0.23 15.29 3.24
C ASP A 33 0.56 16.14 4.47
N LEU A 34 0.48 15.55 5.66
CA LEU A 34 0.82 16.32 6.89
C LEU A 34 2.32 16.36 7.17
N LEU A 35 3.11 15.66 6.36
CA LEU A 35 4.56 15.67 6.59
C LEU A 35 5.18 16.98 6.14
N PRO A 36 6.43 17.22 6.57
CA PRO A 36 7.13 18.45 6.17
C PRO A 36 7.23 18.38 4.65
N GLU A 37 7.29 19.53 4.00
CA GLU A 37 7.34 19.65 2.55
C GLU A 37 8.22 18.66 1.80
N ASP A 38 9.51 18.62 2.15
CA ASP A 38 10.44 17.75 1.45
C ASP A 38 10.08 16.29 1.55
N GLN A 39 9.58 15.87 2.71
CA GLN A 39 9.25 14.47 2.88
C GLN A 39 7.96 14.11 2.21
N ARG A 40 6.93 14.96 2.30
CA ARG A 40 5.70 14.57 1.64
C ARG A 40 5.89 14.53 0.13
N LYS A 41 6.66 15.46 -0.43
CA LYS A 41 6.90 15.43 -1.89
C LYS A 41 7.57 14.10 -2.28
N ALA A 42 8.56 13.67 -1.51
CA ALA A 42 9.23 12.39 -1.80
C ALA A 42 8.23 11.22 -1.73
N VAL A 43 7.33 11.27 -0.76
CA VAL A 43 6.30 10.25 -0.63
C VAL A 43 5.35 10.30 -1.82
N TRP A 44 4.94 11.49 -2.25
CA TRP A 44 4.04 11.53 -3.44
C TRP A 44 4.69 10.86 -4.64
N ALA A 45 5.98 11.12 -4.82
CA ALA A 45 6.71 10.58 -5.98
C ALA A 45 6.82 9.06 -5.94
N ILE A 46 7.23 8.52 -4.80
CA ILE A 46 7.36 7.06 -4.67
C ILE A 46 5.98 6.39 -4.74
N TYR A 47 5.01 7.00 -4.11
CA TYR A 47 3.67 6.42 -4.15
C TYR A 47 3.12 6.39 -5.57
N ALA A 48 3.29 7.49 -6.31
CA ALA A 48 2.80 7.59 -7.71
C ALA A 48 3.48 6.54 -8.57
N VAL A 49 4.77 6.35 -8.39
CA VAL A 49 5.49 5.31 -9.13
C VAL A 49 4.85 3.92 -8.84
N CYS A 50 4.59 3.63 -7.58
CA CYS A 50 4.00 2.33 -7.25
C CYS A 50 2.61 2.22 -7.90
N ARG A 51 1.83 3.29 -7.89
CA ARG A 51 0.50 3.23 -8.52
C ARG A 51 0.60 2.97 -10.02
N LYS A 52 1.54 3.63 -10.70
CA LYS A 52 1.69 3.42 -12.15
C LYS A 52 2.04 1.97 -12.46
N ILE A 53 2.86 1.39 -11.60
CA ILE A 53 3.27 0.00 -11.75
C ILE A 53 2.02 -0.89 -11.56
N ASP A 54 1.32 -0.70 -10.45
CA ASP A 54 0.13 -1.50 -10.16
C ASP A 54 -0.96 -1.43 -11.25
N ASP A 55 -1.08 -0.31 -11.96
CA ASP A 55 -2.13 -0.15 -13.00
C ASP A 55 -1.66 -0.34 -14.46
N SER A 56 -0.37 -0.50 -14.65
CA SER A 56 0.25 -0.64 -15.97
C SER A 56 -0.33 -1.62 -17.01
N ILE A 57 -0.72 -2.81 -16.58
CA ILE A 57 -1.23 -3.81 -17.52
C ILE A 57 -2.46 -3.34 -18.32
N ASP A 58 -3.33 -2.59 -17.65
CA ASP A 58 -4.55 -2.07 -18.26
C ASP A 58 -4.24 -0.90 -19.17
N ASP A 62 -1.22 -5.41 -21.92
CA ASP A 62 0.09 -5.93 -22.32
C ASP A 62 1.13 -5.43 -21.30
N ILE A 63 2.27 -6.10 -21.23
CA ILE A 63 3.33 -5.72 -20.32
C ILE A 63 4.16 -4.57 -20.85
N GLN A 64 3.76 -4.02 -22.00
CA GLN A 64 4.51 -2.95 -22.64
C GLN A 64 4.91 -1.80 -21.72
N PHE A 65 3.91 -1.12 -21.18
CA PHE A 65 4.18 0.01 -20.30
C PHE A 65 4.95 -0.42 -19.03
N LEU A 66 4.62 -1.59 -18.49
CA LEU A 66 5.34 -2.04 -17.30
C LEU A 66 6.84 -2.18 -17.61
N ASN A 67 7.14 -2.74 -18.79
CA ASN A 67 8.54 -2.92 -19.17
C ASN A 67 9.25 -1.53 -19.23
N GLN A 68 8.54 -0.53 -19.74
CA GLN A 68 9.09 0.82 -19.83
C GLN A 68 9.38 1.41 -18.45
N ILE A 69 8.41 1.26 -17.54
CA ILE A 69 8.59 1.76 -16.17
C ILE A 69 9.85 1.14 -15.58
N LYS A 70 9.98 -0.17 -15.73
CA LYS A 70 11.13 -0.87 -15.18
C LYS A 70 12.44 -0.34 -15.76
N GLU A 71 12.46 -0.12 -17.08
CA GLU A 71 13.70 0.40 -17.70
C GLU A 71 13.96 1.80 -17.19
N ASP A 72 12.90 2.58 -17.01
CA ASP A 72 13.07 3.93 -16.49
C ASP A 72 13.71 3.91 -15.12
N ILE A 73 13.22 3.04 -14.24
CA ILE A 73 13.80 2.98 -12.90
C ILE A 73 15.23 2.48 -12.94
N GLN A 74 15.51 1.53 -13.83
CA GLN A 74 16.88 1.03 -13.98
C GLN A 74 17.83 2.16 -14.44
N SER A 75 17.37 3.02 -15.34
CA SER A 75 18.24 4.13 -15.77
C SER A 75 18.57 5.04 -14.58
N ILE A 76 17.57 5.32 -13.74
CA ILE A 76 17.77 6.17 -12.57
C ILE A 76 18.76 5.53 -11.63
N GLU A 77 18.61 4.23 -11.42
CA GLU A 77 19.46 3.53 -10.48
C GLU A 77 20.90 3.54 -10.96
N LYS A 78 21.08 3.28 -12.25
CA LYS A 78 22.44 3.21 -12.77
C LYS A 78 23.13 4.56 -12.98
N TYR A 79 22.36 5.57 -13.39
CA TYR A 79 22.86 6.92 -13.67
C TYR A 79 21.93 7.98 -13.10
N PRO A 80 21.91 8.11 -11.78
CA PRO A 80 21.04 9.08 -11.10
C PRO A 80 21.22 10.55 -11.50
N TYR A 81 22.43 10.92 -11.92
CA TYR A 81 22.70 12.32 -12.29
C TYR A 81 22.84 12.60 -13.80
N GLU A 82 22.35 11.69 -14.64
CA GLU A 82 22.37 11.88 -16.10
C GLU A 82 20.94 12.20 -16.49
N TYR A 83 20.77 12.88 -17.62
CA TYR A 83 19.45 13.18 -18.11
C TYR A 83 18.92 11.99 -18.90
N HIS A 84 17.70 11.55 -18.57
CA HIS A 84 17.11 10.44 -19.29
C HIS A 84 15.84 10.86 -20.02
N HIS A 85 15.63 10.26 -21.19
CA HIS A 85 14.43 10.47 -21.97
C HIS A 85 13.60 9.29 -21.51
N PHE A 86 12.84 9.50 -20.45
CA PHE A 86 12.05 8.40 -19.89
C PHE A 86 11.03 7.85 -20.87
N GLN A 87 10.81 6.54 -20.78
CA GLN A 87 9.91 5.85 -21.69
C GLN A 87 8.47 5.76 -21.21
N SER A 88 8.27 5.77 -19.90
CA SER A 88 6.91 5.64 -19.36
C SER A 88 6.25 6.98 -19.05
N ASP A 89 6.22 7.36 -17.78
CA ASP A 89 5.62 8.62 -17.40
C ASP A 89 6.73 9.59 -16.98
N ARG A 90 7.07 10.53 -17.85
CA ARG A 90 8.15 11.48 -17.59
C ARG A 90 8.01 12.26 -16.27
N ARG A 91 6.82 12.79 -16.05
CA ARG A 91 6.60 13.59 -14.85
C ARG A 91 6.95 12.82 -13.58
N ILE A 92 6.49 11.57 -13.53
CA ILE A 92 6.74 10.76 -12.35
C ILE A 92 8.20 10.32 -12.22
N MET A 93 8.84 9.96 -13.33
CA MET A 93 10.24 9.52 -13.25
C MET A 93 11.16 10.69 -12.96
N MET A 94 10.84 11.87 -13.47
CA MET A 94 11.68 13.04 -13.18
C MET A 94 11.64 13.30 -11.65
N ALA A 95 10.45 13.17 -11.08
CA ALA A 95 10.26 13.36 -9.65
C ALA A 95 11.01 12.25 -8.89
N LEU A 96 10.85 11.01 -9.30
CA LEU A 96 11.56 9.94 -8.62
C LEU A 96 13.08 10.15 -8.70
N GLN A 97 13.57 10.52 -9.86
CA GLN A 97 14.99 10.74 -10.00
C GLN A 97 15.46 11.87 -9.10
N HIS A 98 14.64 12.91 -9.00
CA HIS A 98 14.97 14.05 -8.12
C HIS A 98 15.14 13.52 -6.71
N VAL A 99 14.18 12.69 -6.26
CA VAL A 99 14.24 12.12 -4.92
C VAL A 99 15.51 11.24 -4.80
N ALA A 100 15.75 10.41 -5.82
CA ALA A 100 16.90 9.48 -5.82
C ALA A 100 18.21 10.19 -5.64
N GLN A 101 18.27 11.44 -6.06
CA GLN A 101 19.48 12.21 -5.95
C GLN A 101 19.70 12.71 -4.52
N HIS A 102 18.67 12.64 -3.67
CA HIS A 102 18.79 13.13 -2.28
C HIS A 102 18.65 12.05 -1.23
N LYS A 103 18.00 10.96 -1.60
CA LYS A 103 17.75 9.86 -0.67
C LYS A 103 18.16 8.51 -1.25
N ASN A 104 18.42 7.53 -0.37
CA ASN A 104 18.79 6.19 -0.81
C ASN A 104 17.52 5.44 -1.18
N ILE A 105 17.31 5.17 -2.45
CA ILE A 105 16.13 4.43 -2.81
C ILE A 105 16.41 2.93 -2.89
N ALA A 106 15.52 2.08 -2.33
CA ALA A 106 15.69 0.63 -2.38
C ALA A 106 15.17 0.15 -3.73
N PHE A 107 16.01 0.24 -4.74
CA PHE A 107 15.58 -0.15 -6.05
C PHE A 107 15.11 -1.60 -6.14
N GLN A 108 15.75 -2.52 -5.43
CA GLN A 108 15.30 -3.92 -5.55
C GLN A 108 13.85 -4.05 -5.08
N SER A 109 13.44 -3.18 -4.18
CA SER A 109 12.06 -3.27 -3.71
C SER A 109 11.12 -2.88 -4.84
N PHE A 110 11.49 -1.90 -5.67
CA PHE A 110 10.64 -1.58 -6.83
C PHE A 110 10.64 -2.79 -7.77
N TYR A 111 11.79 -3.41 -7.96
CA TYR A 111 11.81 -4.57 -8.89
C TYR A 111 10.99 -5.73 -8.36
N ASN A 112 10.92 -5.87 -7.04
CA ASN A 112 10.13 -6.98 -6.48
C ASN A 112 8.66 -6.69 -6.72
N LEU A 113 8.31 -5.42 -6.60
CA LEU A 113 6.94 -4.99 -6.84
C LEU A 113 6.59 -5.25 -8.33
N ILE A 114 7.47 -4.82 -9.22
CA ILE A 114 7.23 -5.01 -10.65
C ILE A 114 7.08 -6.52 -10.94
N ASP A 115 7.95 -7.33 -10.37
CA ASP A 115 7.85 -8.78 -10.59
C ASP A 115 6.51 -9.36 -10.13
N THR A 116 6.00 -8.87 -9.02
CA THR A 116 4.75 -9.35 -8.47
C THR A 116 3.61 -8.99 -9.43
N VAL A 117 3.60 -7.73 -9.86
CA VAL A 117 2.58 -7.29 -10.79
C VAL A 117 2.62 -8.12 -12.07
N TYR A 118 3.81 -8.41 -12.64
CA TYR A 118 3.90 -9.25 -13.86
C TYR A 118 3.22 -10.59 -13.62
N LYS A 119 3.50 -11.18 -12.46
CA LYS A 119 2.94 -12.50 -12.11
C LYS A 119 1.45 -12.45 -11.97
N ASP A 120 0.95 -11.34 -11.47
CA ASP A 120 -0.47 -11.23 -11.28
C ASP A 120 -1.23 -11.52 -12.59
N GLN A 121 -0.52 -11.38 -13.72
CA GLN A 121 -1.12 -11.67 -15.02
C GLN A 121 -1.64 -13.11 -15.09
N HIS A 122 -0.90 -14.04 -14.49
CA HIS A 122 -1.28 -15.44 -14.51
C HIS A 122 -1.79 -15.83 -13.14
N PHE A 123 -2.53 -14.93 -12.51
CA PHE A 123 -3.09 -15.19 -11.19
C PHE A 123 -3.82 -16.51 -11.05
N THR A 124 -3.55 -17.18 -9.95
CA THR A 124 -4.21 -18.43 -9.59
C THR A 124 -4.28 -18.29 -8.08
N MET A 125 -5.39 -18.71 -7.50
CA MET A 125 -5.58 -18.62 -6.07
C MET A 125 -4.40 -19.15 -5.28
N PHE A 126 -4.17 -18.56 -4.12
CA PHE A 126 -3.09 -18.97 -3.28
C PHE A 126 -3.49 -20.27 -2.61
N GLU A 127 -2.60 -21.25 -2.65
CA GLU A 127 -2.82 -22.54 -2.01
C GLU A 127 -2.82 -22.39 -0.51
N THR A 128 -1.88 -21.61 0.00
CA THR A 128 -1.76 -21.41 1.44
C THR A 128 -1.62 -19.95 1.87
N ASP A 129 -1.74 -19.70 3.17
CA ASP A 129 -1.62 -18.35 3.66
C ASP A 129 -0.20 -17.83 3.42
N ALA A 130 0.77 -18.74 3.37
CA ALA A 130 2.16 -18.35 3.09
C ALA A 130 2.25 -17.65 1.73
N GLU A 131 1.52 -18.18 0.74
CA GLU A 131 1.54 -17.55 -0.59
C GLU A 131 0.83 -16.21 -0.55
N LEU A 132 -0.28 -16.15 0.17
CA LEU A 132 -1.01 -14.88 0.30
C LEU A 132 -0.10 -13.83 0.92
N PHE A 133 0.51 -14.17 2.04
CA PHE A 133 1.38 -13.21 2.71
C PHE A 133 2.60 -12.85 1.83
N GLY A 134 3.03 -13.79 0.98
CA GLY A 134 4.12 -13.51 0.04
C GLY A 134 3.66 -12.47 -0.95
N TYR A 135 2.38 -12.55 -1.32
CA TYR A 135 1.82 -11.57 -2.25
C TYR A 135 1.72 -10.20 -1.56
N CYS A 136 1.33 -10.17 -0.29
CA CYS A 136 1.22 -8.91 0.43
C CYS A 136 2.61 -8.28 0.52
N TYR A 137 3.64 -9.10 0.71
CA TYR A 137 4.99 -8.52 0.73
C TYR A 137 5.24 -7.90 -0.64
N GLY A 138 4.99 -8.66 -1.71
CA GLY A 138 5.29 -8.15 -3.04
C GLY A 138 4.61 -6.86 -3.44
N VAL A 139 3.33 -6.73 -3.15
CA VAL A 139 2.65 -5.51 -3.57
C VAL A 139 2.57 -4.40 -2.58
N ALA A 140 2.89 -4.67 -1.31
CA ALA A 140 2.77 -3.63 -0.31
C ALA A 140 3.95 -3.58 0.67
N GLY A 141 4.53 -4.73 1.01
CA GLY A 141 5.70 -4.73 1.90
C GLY A 141 6.79 -3.95 1.17
N THR A 142 6.88 -4.16 -0.13
CA THR A 142 7.85 -3.44 -0.98
C THR A 142 7.64 -1.90 -0.92
N VAL A 143 6.38 -1.46 -0.90
CA VAL A 143 6.08 -0.02 -0.84
C VAL A 143 6.60 0.52 0.49
N GLY A 144 6.38 -0.24 1.55
CA GLY A 144 6.86 0.15 2.87
C GLY A 144 8.38 0.23 2.83
N GLU A 145 9.00 -0.72 2.15
CA GLU A 145 10.47 -0.68 2.08
C GLU A 145 10.97 0.58 1.35
N VAL A 146 10.40 0.88 0.18
CA VAL A 146 10.86 2.06 -0.57
C VAL A 146 10.62 3.37 0.17
N LEU A 147 9.54 3.47 0.96
CA LEU A 147 9.31 4.70 1.73
C LEU A 147 10.18 4.81 2.99
N THR A 148 10.81 3.73 3.37
CA THR A 148 11.58 3.75 4.61
C THR A 148 12.59 4.87 4.80
N PRO A 149 13.45 5.13 3.81
CA PRO A 149 14.45 6.21 3.98
C PRO A 149 13.83 7.59 4.07
N ILE A 150 12.64 7.76 3.54
CA ILE A 150 12.01 9.06 3.61
C ILE A 150 11.47 9.32 5.01
N LEU A 151 11.02 8.26 5.67
CA LEU A 151 10.36 8.39 6.98
C LEU A 151 11.21 8.11 8.21
N SER A 152 12.52 7.97 8.02
CA SER A 152 13.39 7.67 9.16
C SER A 152 14.72 8.37 8.98
N ASP A 153 15.42 8.63 10.08
CA ASP A 153 16.71 9.34 10.05
C ASP A 153 17.91 8.47 9.82
N HIS A 154 17.86 7.27 10.39
CA HIS A 154 18.93 6.30 10.24
C HIS A 154 18.19 4.99 10.03
N GLU A 155 18.34 4.40 8.84
CA GLU A 155 17.65 3.15 8.56
C GLU A 155 18.45 1.97 9.04
N THR A 156 17.77 1.05 9.71
CA THR A 156 18.40 -0.18 10.19
C THR A 156 17.48 -1.26 9.68
N HIS A 157 17.93 -2.50 9.78
CA HIS A 157 17.11 -3.60 9.36
C HIS A 157 15.75 -3.53 10.11
N GLN A 158 15.76 -3.00 11.33
CA GLN A 158 14.48 -2.91 12.07
C GLN A 158 13.55 -1.92 11.44
N THR A 159 14.08 -0.81 10.93
CA THR A 159 13.25 0.20 10.33
C THR A 159 12.52 -0.38 9.14
N TYR A 160 13.26 -1.10 8.29
CA TYR A 160 12.65 -1.74 7.13
C TYR A 160 11.64 -2.82 7.57
N ASP A 161 11.99 -3.60 8.58
CA ASP A 161 11.10 -4.66 9.04
C ASP A 161 9.76 -4.08 9.48
N VAL A 162 9.81 -3.01 10.26
CA VAL A 162 8.58 -2.39 10.74
C VAL A 162 7.76 -1.81 9.57
N ALA A 163 8.42 -1.10 8.67
CA ALA A 163 7.73 -0.53 7.51
C ALA A 163 7.16 -1.64 6.60
N ARG A 164 7.93 -2.70 6.43
CA ARG A 164 7.49 -3.83 5.57
C ARG A 164 6.23 -4.46 6.20
N ARG A 165 6.28 -4.72 7.48
CA ARG A 165 5.14 -5.34 8.17
C ARG A 165 3.91 -4.46 8.15
N LEU A 166 4.10 -3.15 8.29
CA LEU A 166 2.96 -2.25 8.24
C LEU A 166 2.36 -2.28 6.84
N GLY A 167 3.20 -2.18 5.79
CA GLY A 167 2.66 -2.22 4.44
C GLY A 167 1.87 -3.51 4.21
N GLU A 168 2.40 -4.61 4.70
CA GLU A 168 1.72 -5.88 4.46
C GLU A 168 0.39 -5.95 5.21
N SER A 169 0.36 -5.34 6.38
CA SER A 169 -0.88 -5.30 7.16
C SER A 169 -1.90 -4.46 6.46
N LEU A 170 -1.46 -3.35 5.89
CA LEU A 170 -2.36 -2.46 5.16
C LEU A 170 -2.97 -3.19 3.97
N GLN A 171 -2.14 -3.98 3.27
CA GLN A 171 -2.61 -4.76 2.12
C GLN A 171 -3.67 -5.79 2.57
N LEU A 172 -3.46 -6.43 3.72
CA LEU A 172 -4.42 -7.42 4.22
C LEU A 172 -5.74 -6.72 4.58
N ILE A 173 -5.67 -5.53 5.18
CA ILE A 173 -6.90 -4.77 5.47
C ILE A 173 -7.58 -4.43 4.12
N ASN A 174 -6.80 -4.04 3.12
CA ASN A 174 -7.38 -3.72 1.82
C ASN A 174 -8.13 -4.95 1.29
N ILE A 175 -7.50 -6.11 1.37
CA ILE A 175 -8.11 -7.35 0.88
C ILE A 175 -9.43 -7.60 1.64
N LEU A 176 -9.41 -7.33 2.93
CA LEU A 176 -10.61 -7.55 3.75
C LEU A 176 -11.71 -6.58 3.41
N ARG A 177 -11.37 -5.41 2.88
CA ARG A 177 -12.38 -4.44 2.48
C ARG A 177 -12.93 -4.79 1.12
N ASP A 178 -12.11 -5.37 0.27
CA ASP A 178 -12.49 -5.60 -1.12
C ASP A 178 -12.87 -6.99 -1.58
N VAL A 179 -13.26 -7.85 -0.66
CA VAL A 179 -13.61 -9.20 -1.06
C VAL A 179 -14.58 -9.19 -2.24
N GLY A 180 -15.64 -8.40 -2.12
CA GLY A 180 -16.66 -8.35 -3.18
C GLY A 180 -16.19 -7.87 -4.56
N GLU A 181 -15.57 -6.70 -4.61
CA GLU A 181 -15.11 -6.14 -5.86
C GLU A 181 -13.99 -6.98 -6.46
N ASP A 182 -13.18 -7.60 -5.60
CA ASP A 182 -12.13 -8.45 -6.13
C ASP A 182 -12.78 -9.67 -6.79
N PHE A 183 -13.78 -10.25 -6.14
CA PHE A 183 -14.45 -11.40 -6.72
C PHE A 183 -15.05 -11.03 -8.10
N GLU A 184 -15.69 -9.88 -8.22
CA GLU A 184 -16.26 -9.44 -9.52
C GLU A 184 -15.14 -9.37 -10.58
N ASN A 185 -13.91 -9.13 -10.13
CA ASN A 185 -12.78 -9.01 -11.05
C ASN A 185 -11.99 -10.31 -11.12
N GLU A 186 -12.65 -11.41 -10.79
CA GLU A 186 -12.07 -12.74 -10.83
C GLU A 186 -10.85 -12.95 -9.96
N ARG A 187 -10.85 -12.35 -8.78
CA ARG A 187 -9.71 -12.55 -7.88
C ARG A 187 -10.24 -12.88 -6.51
N ILE A 188 -9.68 -13.92 -5.90
CA ILE A 188 -10.03 -14.28 -4.52
C ILE A 188 -8.64 -14.38 -3.87
N TYR A 189 -8.43 -13.65 -2.77
CA TYR A 189 -7.14 -13.62 -2.08
C TYR A 189 -7.05 -14.49 -0.85
N PHE A 190 -8.18 -14.88 -0.27
CA PHE A 190 -8.11 -15.77 0.88
C PHE A 190 -7.51 -17.06 0.30
N SER A 191 -6.75 -17.81 1.10
CA SER A 191 -6.12 -19.01 0.55
C SER A 191 -7.08 -20.21 0.47
N LYS A 192 -6.79 -21.13 -0.45
CA LYS A 192 -7.63 -22.33 -0.58
C LYS A 192 -7.60 -23.13 0.72
N GLN A 193 -6.44 -23.21 1.35
CA GLN A 193 -6.32 -23.91 2.62
C GLN A 193 -7.32 -23.37 3.63
N ARG A 194 -7.29 -22.06 3.82
CA ARG A 194 -8.16 -21.43 4.79
C ARG A 194 -9.65 -21.46 4.39
N LEU A 195 -9.93 -21.36 3.10
CA LEU A 195 -11.31 -21.39 2.62
C LEU A 195 -11.89 -22.79 2.91
N LYS A 196 -11.08 -23.83 2.67
CA LYS A 196 -11.49 -25.21 2.91
C LYS A 196 -11.70 -25.41 4.41
N GLN A 197 -10.73 -24.98 5.21
CA GLN A 197 -10.86 -25.13 6.64
C GLN A 197 -12.13 -24.51 7.17
N TYR A 198 -12.44 -23.29 6.74
CA TYR A 198 -13.63 -22.61 7.23
C TYR A 198 -14.89 -22.95 6.42
N GLU A 199 -14.75 -23.78 5.39
CA GLU A 199 -15.89 -24.18 4.56
C GLU A 199 -16.58 -22.98 3.93
N VAL A 200 -15.79 -22.14 3.26
CA VAL A 200 -16.30 -20.95 2.63
C VAL A 200 -16.13 -20.98 1.13
N ASP A 201 -17.15 -20.55 0.40
CA ASP A 201 -17.05 -20.50 -1.07
C ASP A 201 -17.40 -19.05 -1.33
N ILE A 202 -16.43 -18.26 -1.81
CA ILE A 202 -16.69 -16.84 -2.04
C ILE A 202 -17.82 -16.56 -3.02
N ALA A 203 -17.89 -17.33 -4.09
CA ALA A 203 -18.95 -17.12 -5.07
C ALA A 203 -20.34 -17.37 -4.41
N GLU A 204 -20.41 -18.38 -3.55
CA GLU A 204 -21.66 -18.71 -2.85
C GLU A 204 -22.03 -17.55 -1.93
N VAL A 205 -21.04 -17.06 -1.19
CA VAL A 205 -21.30 -15.94 -0.30
C VAL A 205 -21.66 -14.69 -1.08
N TYR A 206 -21.04 -14.49 -2.25
CA TYR A 206 -21.35 -13.31 -3.05
C TYR A 206 -22.80 -13.34 -3.50
N GLN A 207 -23.26 -14.55 -3.85
CA GLN A 207 -24.63 -14.77 -4.30
C GLN A 207 -25.62 -14.72 -3.12
N ASN A 208 -25.32 -15.45 -2.04
CA ASN A 208 -26.24 -15.53 -0.92
C ASN A 208 -26.09 -14.68 0.32
N GLY A 209 -25.00 -13.93 0.44
CA GLY A 209 -24.84 -13.12 1.64
C GLY A 209 -23.97 -13.80 2.66
N VAL A 210 -23.54 -13.06 3.66
CA VAL A 210 -22.66 -13.66 4.64
C VAL A 210 -23.32 -14.74 5.48
N ASN A 211 -22.50 -15.47 6.21
CA ASN A 211 -22.95 -16.50 7.12
C ASN A 211 -21.86 -16.59 8.17
N ASN A 212 -22.04 -17.45 9.16
CA ASN A 212 -21.07 -17.54 10.22
C ASN A 212 -19.70 -18.10 9.83
N HIS A 213 -19.68 -19.00 8.85
CA HIS A 213 -18.42 -19.54 8.37
C HIS A 213 -17.61 -18.41 7.75
N TYR A 214 -18.25 -17.66 6.87
CA TYR A 214 -17.58 -16.52 6.23
C TYR A 214 -17.10 -15.50 7.27
N ILE A 215 -18.00 -15.10 8.16
CA ILE A 215 -17.61 -14.14 9.16
C ILE A 215 -16.44 -14.64 9.99
N ASP A 216 -16.42 -15.93 10.33
CA ASP A 216 -15.30 -16.47 11.13
C ASP A 216 -14.00 -16.40 10.31
N LEU A 217 -14.07 -16.75 9.03
CA LEU A 217 -12.87 -16.70 8.18
C LEU A 217 -12.35 -15.27 8.03
N TRP A 218 -13.26 -14.34 7.78
CA TRP A 218 -12.89 -12.95 7.63
C TRP A 218 -12.21 -12.49 8.92
N GLU A 219 -12.81 -12.82 10.06
CA GLU A 219 -12.27 -12.41 11.36
C GLU A 219 -10.93 -13.06 11.68
N TYR A 220 -10.69 -14.24 11.12
CA TYR A 220 -9.41 -14.93 11.32
C TYR A 220 -8.33 -14.03 10.74
N TYR A 221 -8.55 -13.52 9.53
CA TYR A 221 -7.55 -12.64 8.91
C TYR A 221 -7.54 -11.28 9.55
N ALA A 222 -8.71 -10.77 9.96
CA ALA A 222 -8.72 -9.46 10.58
C ALA A 222 -7.87 -9.50 11.86
N ALA A 223 -7.89 -10.61 12.61
CA ALA A 223 -7.10 -10.69 13.84
C ALA A 223 -5.59 -10.61 13.54
N ILE A 224 -5.18 -11.20 12.42
CA ILE A 224 -3.76 -11.16 12.04
C ILE A 224 -3.39 -9.71 11.73
N ALA A 225 -4.21 -9.01 10.92
CA ALA A 225 -3.92 -7.62 10.59
C ALA A 225 -3.82 -6.78 11.83
N GLU A 226 -4.77 -6.97 12.75
CA GLU A 226 -4.77 -6.17 13.96
C GLU A 226 -3.56 -6.40 14.87
N LYS A 227 -3.15 -7.65 15.01
CA LYS A 227 -2.00 -7.97 15.85
C LYS A 227 -0.75 -7.39 15.20
N ASP A 228 -0.59 -7.57 13.89
CA ASP A 228 0.57 -6.99 13.23
C ASP A 228 0.54 -5.47 13.38
N PHE A 229 -0.64 -4.87 13.36
CA PHE A 229 -0.75 -3.42 13.52
C PHE A 229 -0.23 -3.02 14.91
N ARG A 230 -0.66 -3.74 15.94
CA ARG A 230 -0.21 -3.44 17.30
C ARG A 230 1.31 -3.55 17.40
N ASP A 231 1.87 -4.62 16.84
CA ASP A 231 3.33 -4.80 16.87
C ASP A 231 4.04 -3.66 16.18
N VAL A 232 3.50 -3.19 15.07
CA VAL A 232 4.08 -2.05 14.39
C VAL A 232 3.96 -0.81 15.29
N MET A 233 2.79 -0.57 15.88
CA MET A 233 2.64 0.60 16.73
C MET A 233 3.65 0.57 17.88
N ASP A 234 3.91 -0.61 18.42
CA ASP A 234 4.85 -0.75 19.51
C ASP A 234 6.29 -0.40 19.12
N GLN A 235 6.57 -0.38 17.81
CA GLN A 235 7.89 -0.08 17.32
C GLN A 235 7.96 1.19 16.44
N ILE A 236 6.99 2.07 16.62
CA ILE A 236 6.87 3.32 15.87
C ILE A 236 8.09 4.24 16.02
N LYS A 237 8.85 4.09 17.11
CA LYS A 237 10.01 4.94 17.32
C LYS A 237 11.16 4.72 16.36
N VAL A 238 11.03 3.75 15.46
CA VAL A 238 12.08 3.54 14.50
C VAL A 238 12.00 4.63 13.46
N PHE A 239 10.86 5.30 13.37
CA PHE A 239 10.68 6.36 12.37
C PHE A 239 11.02 7.71 12.93
N SER A 240 11.24 8.69 12.06
CA SER A 240 11.60 10.01 12.54
C SER A 240 10.48 10.60 13.39
N ILE A 241 10.87 11.49 14.30
CA ILE A 241 9.89 12.10 15.19
C ILE A 241 8.73 12.75 14.44
N GLU A 242 9.00 13.45 13.35
CA GLU A 242 7.91 14.07 12.62
C GLU A 242 7.02 13.03 11.88
N ALA A 243 7.59 11.90 11.46
CA ALA A 243 6.77 10.92 10.73
C ALA A 243 5.98 10.02 11.66
N GLN A 244 6.44 9.86 12.88
CA GLN A 244 5.73 8.97 13.79
C GLN A 244 4.21 9.21 13.90
N PRO A 245 3.77 10.45 14.22
CA PRO A 245 2.30 10.57 14.30
C PRO A 245 1.61 10.40 12.94
N ILE A 246 2.30 10.75 11.86
CA ILE A 246 1.75 10.63 10.51
C ILE A 246 1.56 9.16 10.17
N ILE A 247 2.54 8.34 10.51
CA ILE A 247 2.44 6.90 10.23
C ILE A 247 1.40 6.31 11.11
N GLU A 248 1.34 6.75 12.36
CA GLU A 248 0.31 6.21 13.24
C GLU A 248 -1.08 6.54 12.68
N LEU A 249 -1.24 7.77 12.24
CA LEU A 249 -2.52 8.19 11.67
C LEU A 249 -2.88 7.36 10.43
N ALA A 250 -1.93 7.23 9.49
CA ALA A 250 -2.19 6.45 8.27
C ALA A 250 -2.67 5.07 8.63
N ALA A 251 -1.97 4.45 9.58
CA ALA A 251 -2.32 3.10 10.02
C ALA A 251 -3.67 3.05 10.73
N ARG A 252 -3.92 4.01 11.62
CA ARG A 252 -5.20 4.01 12.33
C ARG A 252 -6.36 4.27 11.38
N ILE A 253 -6.18 5.22 10.47
CA ILE A 253 -7.22 5.52 9.50
C ILE A 253 -7.52 4.26 8.68
N TYR A 254 -6.49 3.54 8.26
CA TYR A 254 -6.74 2.37 7.44
C TYR A 254 -7.33 1.23 8.20
N ILE A 255 -6.90 1.05 9.45
CA ILE A 255 -7.36 -0.02 10.33
C ILE A 255 -8.86 0.16 10.71
N GLU A 256 -9.30 1.40 10.77
CA GLU A 256 -10.69 1.73 11.09
C GLU A 256 -11.58 1.11 9.99
N ILE A 257 -10.99 0.82 8.84
CA ILE A 257 -11.74 0.18 7.76
C ILE A 257 -12.32 -1.15 8.24
N LEU A 258 -11.60 -1.83 9.11
CA LEU A 258 -12.09 -3.11 9.61
C LEU A 258 -13.42 -2.93 10.34
N ASP A 259 -13.50 -1.95 11.21
CA ASP A 259 -14.77 -1.71 11.89
C ASP A 259 -15.85 -1.27 10.91
N GLU A 260 -15.49 -0.49 9.90
CA GLU A 260 -16.47 -0.09 8.91
C GLU A 260 -17.05 -1.32 8.18
N VAL A 261 -16.22 -2.31 7.90
CA VAL A 261 -16.72 -3.52 7.24
C VAL A 261 -17.71 -4.25 8.16
N ARG A 262 -17.37 -4.34 9.45
CA ARG A 262 -18.25 -5.01 10.42
C ARG A 262 -19.58 -4.24 10.52
N GLN A 263 -19.50 -2.92 10.61
CA GLN A 263 -20.71 -2.11 10.71
C GLN A 263 -21.60 -2.28 9.49
N ALA A 264 -21.03 -2.64 8.34
CA ALA A 264 -21.80 -2.83 7.12
C ALA A 264 -22.12 -4.32 6.91
N ASN A 265 -22.04 -5.07 8.01
CA ASN A 265 -22.31 -6.51 8.00
C ASN A 265 -21.49 -7.33 6.98
N TYR A 266 -20.22 -6.98 6.82
CA TYR A 266 -19.32 -7.72 5.93
C TYR A 266 -19.83 -7.77 4.51
N THR A 267 -20.54 -6.73 4.08
CA THR A 267 -21.10 -6.73 2.73
C THR A 267 -20.09 -6.92 1.59
N LEU A 268 -20.44 -7.75 0.63
CA LEU A 268 -19.59 -8.00 -0.55
C LEU A 268 -20.10 -7.17 -1.71
N HIS A 269 -20.95 -6.20 -1.42
CA HIS A 269 -21.54 -5.43 -2.51
C HIS A 269 -21.33 -3.93 -2.56
N GLU A 270 -20.51 -3.43 -1.65
CA GLU A 270 -20.10 -2.05 -1.74
C GLU A 270 -18.77 -1.92 -1.05
N ARG A 271 -18.06 -0.84 -1.38
CA ARG A 271 -16.76 -0.56 -0.77
C ARG A 271 -16.98 0.37 0.42
N VAL A 272 -16.76 -0.13 1.63
CA VAL A 272 -16.94 0.71 2.79
C VAL A 272 -15.80 1.74 2.87
N PHE A 273 -15.96 2.75 3.72
CA PHE A 273 -14.93 3.78 3.83
C PHE A 273 -15.02 4.51 5.16
N VAL A 274 -13.93 5.17 5.52
CA VAL A 274 -13.86 5.94 6.75
C VAL A 274 -14.07 7.40 6.30
N GLU A 275 -15.20 8.01 6.65
CA GLU A 275 -15.43 9.37 6.21
C GLU A 275 -14.36 10.35 6.71
N LYS A 276 -14.16 11.43 5.95
CA LYS A 276 -13.16 12.43 6.31
C LYS A 276 -13.25 12.96 7.76
N ARG A 277 -14.48 13.15 8.23
CA ARG A 277 -14.67 13.67 9.58
C ARG A 277 -14.08 12.71 10.62
N LYS A 278 -14.22 11.41 10.36
CA LYS A 278 -13.69 10.39 11.24
C LYS A 278 -12.16 10.41 11.16
N LYS A 279 -11.61 10.66 9.96
CA LYS A 279 -10.15 10.73 9.82
C LYS A 279 -9.63 11.87 10.70
N ALA A 280 -10.38 12.97 10.69
CA ALA A 280 -9.96 14.15 11.49
C ALA A 280 -10.04 13.80 13.00
N LYS A 281 -11.05 13.01 13.37
CA LYS A 281 -11.16 12.61 14.78
C LYS A 281 -9.91 11.81 15.18
N LEU A 282 -9.53 10.82 14.36
CA LEU A 282 -8.32 10.04 14.69
C LEU A 282 -7.10 10.94 14.77
N PHE A 283 -6.99 11.91 13.88
CA PHE A 283 -5.82 12.75 13.94
C PHE A 283 -5.79 13.44 15.28
N HIS A 284 -6.96 13.90 15.72
CA HIS A 284 -7.02 14.60 17.01
C HIS A 284 -6.52 13.75 18.15
N GLU A 285 -7.02 12.53 18.26
CA GLU A 285 -6.64 11.61 19.34
C GLU A 285 -5.15 11.31 19.34
N ILE A 286 -4.62 11.07 18.13
CA ILE A 286 -3.22 10.75 18.00
C ILE A 286 -2.33 11.95 18.32
N ASN A 287 -2.58 13.05 17.61
CA ASN A 287 -1.86 14.30 17.74
C ASN A 287 -1.88 14.80 19.19
N SER A 288 -2.83 14.29 19.97
CA SER A 288 -2.95 14.66 21.37
C SER A 288 -1.93 13.89 22.20
N LYS A 289 -1.63 12.68 21.74
CA LYS A 289 -0.65 11.81 22.39
C LYS A 289 0.75 12.35 22.14
N TYR A 290 0.91 13.09 21.05
CA TYR A 290 2.22 13.65 20.69
C TYR A 290 2.43 15.12 21.06
CAA B69 B . 5.87 2.87 7.53
CAP B69 B . 5.63 3.18 6.05
CAQ B69 B . 4.29 2.63 5.55
CAS B69 B . 4.16 2.95 4.07
CAV B69 B . 2.97 2.31 3.34
CAI B69 B . 3.01 0.98 2.95
CAM B69 B . 2.07 0.48 2.06
CAH B69 B . 1.96 3.14 2.85
CAL B69 B . 1.02 2.63 1.97
CAX B69 B . 1.07 1.30 1.56
CAY B69 B . 0.06 0.81 0.74
CAO B69 B . -0.57 1.65 -0.17
CAK B69 B . -1.67 1.19 -0.90
CAN B69 B . -0.39 -0.50 0.89
CAJ B69 B . -1.48 -0.95 0.18
CAW B69 B . -2.13 -0.11 -0.71
CAT B69 B . -3.37 -0.58 -1.49
CAR B69 B . -3.03 -0.91 -2.94
CAU B69 B . -4.25 -0.70 -3.84
CAZ B69 B . -5.39 -1.67 -3.55
PBA B69 B . -5.15 -3.26 -4.43
OAC B69 B . -6.41 -4.21 -4.08
OAD B69 B . -5.24 -2.92 -5.99
OAB B69 B . -3.87 -3.90 -4.06
SBB B69 B . -6.97 -0.91 -4.05
OAG B69 B . -8.06 -1.78 -3.70
OAF B69 B . -6.96 -0.68 -5.54
OAE B69 B . -7.13 0.41 -3.35
MG MG C . -8.18 -3.82 -3.15
#